data_3C9N
#
_entry.id   3C9N
#
_cell.length_a   50.658
_cell.length_b   81.713
_cell.length_c   109.391
_cell.angle_alpha   90.000
_cell.angle_beta   90.000
_cell.angle_gamma   90.000
#
_symmetry.space_group_name_H-M   'P 21 21 21'
#
loop_
_entity.id
_entity.type
_entity.pdbx_description
1 polymer 'HLA class I histocompatibility antigen, B-15 alpha chain'
2 polymer Beta-2-microglobulin
3 polymer 'Peptide antigen'
4 non-polymer 'TETRAETHYLENE GLYCOL'
5 non-polymer '4-(2-HYDROXYETHYL)-1-PIPERAZINE ETHANESULFONIC ACID'
6 water water
#
loop_
_entity_poly.entity_id
_entity_poly.type
_entity_poly.pdbx_seq_one_letter_code
_entity_poly.pdbx_strand_id
1 'polypeptide(L)'
;GSHSMRYFYTAMSRPGRGEPRFIAVGYVDDTQFVRFDSDAASPRMAPRAPWIEQEGPEYWDRETQISKTNTQTYRESLRN
LRGYYNQSEAGSHTLQRMYGCDVGPDGRLLRGHDQSAYDGKDYIALNEDLSSWTAADTAAQITQRKWEAAREAEQWRAYL
EGLCVEWLRRYLENGKETLQRADPPKTHVTHHPISDHEATLRCWALGFYPAEITLTWQRDGEDQTQDTELVETRPAGDRT
FQKWAAVVVPSGEEQRYTCHVQHEGLPKPLTLRWEP
;
A
2 'polypeptide(L)'
;IQRTPKIQVYSRHPAENGKSNFLNCYVSGFHPSDIEVDLLKNGERIEKVEHSDLSFSKDWSFYLLYYTEFTPTEKDEYAC
RVNHVTLSQPKIVKWDRDM
;
B
3 'polypeptide(L)' VQQESSFVM C
#
# COMPACT_ATOMS: atom_id res chain seq x y z
N GLY A 1 14.74 -10.71 8.87
CA GLY A 1 13.92 -11.97 8.73
C GLY A 1 12.66 -11.98 9.61
N SER A 2 12.21 -10.82 10.05
CA SER A 2 10.89 -10.71 10.71
C SER A 2 9.80 -10.54 9.65
N HIS A 3 8.57 -10.87 10.02
CA HIS A 3 7.48 -10.91 9.05
C HIS A 3 6.21 -10.39 9.67
N SER A 4 5.30 -9.88 8.84
CA SER A 4 4.03 -9.32 9.31
CA SER A 4 4.03 -9.33 9.31
C SER A 4 2.87 -9.95 8.54
N MET A 5 1.72 -10.12 9.21
CA MET A 5 0.46 -10.38 8.52
C MET A 5 -0.42 -9.18 8.86
N ARG A 6 -1.10 -8.62 7.86
CA ARG A 6 -2.06 -7.53 8.06
C ARG A 6 -3.31 -7.70 7.21
N TYR A 7 -4.45 -7.32 7.79
CA TYR A 7 -5.67 -7.15 7.02
C TYR A 7 -6.04 -5.68 7.01
N PHE A 8 -6.52 -5.20 5.85
CA PHE A 8 -6.93 -3.84 5.65
C PHE A 8 -8.40 -3.85 5.19
N TYR A 9 -9.25 -3.23 5.99
CA TYR A 9 -10.72 -3.17 5.75
C TYR A 9 -11.04 -1.73 5.45
N THR A 10 -11.81 -1.49 4.38
CA THR A 10 -12.26 -0.16 4.04
C THR A 10 -13.76 -0.25 3.78
N ALA A 11 -14.56 0.51 4.55
CA ALA A 11 -16.03 0.66 4.31
C ALA A 11 -16.29 2.14 4.00
N MET A 12 -17.02 2.41 2.91
CA MET A 12 -17.24 3.77 2.48
C MET A 12 -18.72 3.95 2.14
N SER A 13 -19.37 4.93 2.77
CA SER A 13 -20.80 5.13 2.50
C SER A 13 -20.90 5.97 1.21
N ARG A 14 -22.08 5.95 0.59
CA ARG A 14 -22.27 6.65 -0.69
C ARG A 14 -23.77 6.94 -0.80
N PRO A 15 -24.27 7.86 0.06
CA PRO A 15 -25.74 8.03 0.16
C PRO A 15 -26.35 8.33 -1.22
N GLY A 16 -27.44 7.67 -1.56
CA GLY A 16 -28.06 7.86 -2.90
C GLY A 16 -27.55 6.86 -3.92
N ARG A 17 -26.51 6.10 -3.55
CA ARG A 17 -25.83 5.16 -4.47
C ARG A 17 -25.71 3.75 -3.85
N GLY A 18 -26.75 3.33 -3.12
CA GLY A 18 -26.71 2.06 -2.45
C GLY A 18 -26.05 2.10 -1.06
N GLU A 19 -25.79 0.91 -0.54
CA GLU A 19 -25.28 0.73 0.80
C GLU A 19 -23.75 0.84 0.74
N PRO A 20 -23.13 1.12 1.91
CA PRO A 20 -21.67 1.31 1.91
C PRO A 20 -20.91 0.06 1.42
N ARG A 21 -19.96 0.30 0.51
CA ARG A 21 -19.13 -0.74 -0.06
C ARG A 21 -18.13 -1.15 1.03
N PHE A 22 -17.94 -2.47 1.22
CA PHE A 22 -16.94 -3.03 2.13
C PHE A 22 -15.87 -3.78 1.33
N ILE A 23 -14.60 -3.41 1.52
CA ILE A 23 -13.49 -4.14 0.88
C ILE A 23 -12.54 -4.62 1.96
N ALA A 24 -12.07 -5.86 1.82
CA ALA A 24 -11.05 -6.40 2.71
C ALA A 24 -9.92 -7.01 1.88
N VAL A 25 -8.69 -6.70 2.23
CA VAL A 25 -7.54 -7.36 1.62
C VAL A 25 -6.61 -7.86 2.73
N GLY A 26 -5.85 -8.91 2.46
CA GLY A 26 -4.96 -9.50 3.46
C GLY A 26 -3.58 -9.53 2.82
N TYR A 27 -2.56 -9.21 3.61
CA TYR A 27 -1.17 -9.20 3.17
C TYR A 27 -0.30 -10.03 4.13
N VAL A 28 0.72 -10.69 3.56
CA VAL A 28 1.91 -11.09 4.33
C VAL A 28 3.06 -10.22 3.79
N ASP A 29 3.64 -9.40 4.66
CA ASP A 29 4.67 -8.47 4.26
C ASP A 29 4.09 -7.67 3.11
N ASP A 30 4.77 -7.57 1.96
CA ASP A 30 4.26 -6.77 0.85
C ASP A 30 3.49 -7.58 -0.20
N THR A 31 3.09 -8.79 0.17
CA THR A 31 2.42 -9.67 -0.80
C THR A 31 0.93 -9.77 -0.43
N GLN A 32 0.06 -9.22 -1.25
CA GLN A 32 -1.38 -9.42 -1.03
C GLN A 32 -1.72 -10.89 -1.30
N PHE A 33 -2.56 -11.51 -0.48
CA PHE A 33 -2.93 -12.94 -0.67
C PHE A 33 -4.43 -13.26 -0.71
N VAL A 34 -5.29 -12.35 -0.23
CA VAL A 34 -6.76 -12.54 -0.30
C VAL A 34 -7.41 -11.19 -0.51
N ARG A 35 -8.64 -11.22 -1.06
CA ARG A 35 -9.49 -10.03 -1.15
C ARG A 35 -10.96 -10.40 -1.09
N PHE A 36 -11.73 -9.43 -0.64
CA PHE A 36 -13.20 -9.51 -0.61
C PHE A 36 -13.71 -8.14 -1.04
N ASP A 37 -14.75 -8.10 -1.85
CA ASP A 37 -15.34 -6.82 -2.22
C ASP A 37 -16.86 -7.00 -2.26
N SER A 38 -17.58 -6.26 -1.43
CA SER A 38 -19.06 -6.37 -1.38
C SER A 38 -19.69 -5.97 -2.70
N ASP A 39 -18.97 -5.22 -3.53
CA ASP A 39 -19.51 -4.86 -4.85
C ASP A 39 -19.31 -5.93 -5.94
N ALA A 40 -18.55 -6.99 -5.65
CA ALA A 40 -18.34 -8.05 -6.63
C ALA A 40 -19.68 -8.74 -6.99
N ALA A 41 -19.80 -9.20 -8.23
CA ALA A 41 -21.07 -9.76 -8.69
C ALA A 41 -21.51 -10.88 -7.74
N SER A 42 -20.54 -11.71 -7.34
CA SER A 42 -20.78 -12.73 -6.32
C SER A 42 -19.73 -12.66 -5.17
N PRO A 43 -19.98 -11.84 -4.14
CA PRO A 43 -18.93 -11.59 -3.12
C PRO A 43 -18.44 -12.83 -2.38
N ARG A 44 -17.12 -13.02 -2.38
CA ARG A 44 -16.48 -14.09 -1.63
C ARG A 44 -15.04 -13.70 -1.38
N MET A 45 -14.46 -14.24 -0.32
CA MET A 45 -13.03 -14.07 -0.12
C MET A 45 -12.36 -14.87 -1.22
N ALA A 46 -11.49 -14.23 -1.98
CA ALA A 46 -10.82 -14.84 -3.13
C ALA A 46 -9.29 -14.83 -2.98
N PRO A 47 -8.60 -15.87 -3.51
CA PRO A 47 -7.13 -15.90 -3.39
C PRO A 47 -6.47 -14.89 -4.33
N ARG A 48 -5.36 -14.33 -3.90
CA ARG A 48 -4.59 -13.40 -4.71
C ARG A 48 -3.08 -13.77 -4.76
N ALA A 49 -2.74 -14.93 -4.20
CA ALA A 49 -1.38 -15.48 -4.18
C ALA A 49 -1.49 -16.99 -4.37
N PRO A 50 -0.56 -17.58 -5.16
CA PRO A 50 -0.63 -19.00 -5.49
C PRO A 50 -0.64 -19.92 -4.26
N TRP A 51 0.15 -19.56 -3.25
CA TRP A 51 0.35 -20.37 -2.05
C TRP A 51 -0.87 -20.46 -1.12
N ILE A 52 -1.84 -19.57 -1.25
CA ILE A 52 -3.10 -19.69 -0.47
C ILE A 52 -4.14 -20.58 -1.21
N GLU A 53 -3.96 -20.81 -2.51
CA GLU A 53 -4.99 -21.56 -3.25
C GLU A 53 -5.20 -22.99 -2.75
N GLN A 54 -4.15 -23.59 -2.15
CA GLN A 54 -4.24 -24.93 -1.54
C GLN A 54 -5.12 -24.99 -0.30
N GLU A 55 -5.53 -23.84 0.25
CA GLU A 55 -6.44 -23.92 1.37
C GLU A 55 -7.77 -24.52 0.88
N GLY A 56 -8.38 -25.33 1.72
CA GLY A 56 -9.60 -26.05 1.32
C GLY A 56 -10.86 -25.22 1.46
N PRO A 57 -12.03 -25.81 1.09
CA PRO A 57 -13.30 -25.09 1.10
C PRO A 57 -13.70 -24.57 2.48
N GLU A 58 -13.33 -25.26 3.55
CA GLU A 58 -13.64 -24.79 4.88
C GLU A 58 -12.90 -23.47 5.20
N TYR A 59 -11.73 -23.27 4.58
CA TYR A 59 -10.96 -22.02 4.76
C TYR A 59 -11.75 -20.89 4.14
N TRP A 60 -12.06 -21.08 2.86
CA TRP A 60 -12.78 -20.11 2.03
C TRP A 60 -14.16 -19.78 2.56
N ASP A 61 -14.83 -20.77 3.13
CA ASP A 61 -16.13 -20.53 3.75
C ASP A 61 -16.03 -19.68 5.01
N ARG A 62 -15.04 -19.99 5.87
CA ARG A 62 -14.84 -19.18 7.07
C ARG A 62 -14.54 -17.70 6.73
N GLU A 63 -13.62 -17.48 5.81
CA GLU A 63 -13.17 -16.12 5.48
C GLU A 63 -14.27 -15.34 4.77
N THR A 64 -15.06 -16.03 3.97
CA THR A 64 -16.19 -15.39 3.29
C THR A 64 -17.26 -14.99 4.28
N GLN A 65 -17.54 -15.85 5.25
CA GLN A 65 -18.62 -15.57 6.17
C GLN A 65 -18.25 -14.37 7.03
N ILE A 66 -16.99 -14.34 7.46
CA ILE A 66 -16.48 -13.22 8.25
C ILE A 66 -16.66 -11.90 7.47
N SER A 67 -16.31 -11.92 6.17
CA SER A 67 -16.38 -10.74 5.33
C SER A 67 -17.83 -10.27 5.13
N LYS A 68 -18.72 -11.23 4.97
CA LYS A 68 -20.15 -10.91 4.78
C LYS A 68 -20.72 -10.33 6.07
N THR A 69 -20.33 -10.90 7.22
CA THR A 69 -20.75 -10.38 8.52
C THR A 69 -20.14 -8.99 8.72
N ASN A 70 -18.86 -8.84 8.38
CA ASN A 70 -18.22 -7.51 8.41
C ASN A 70 -18.93 -6.48 7.55
N THR A 71 -19.36 -6.87 6.35
CA THR A 71 -20.02 -5.90 5.44
C THR A 71 -21.23 -5.29 6.19
N GLN A 72 -22.00 -6.14 6.83
CA GLN A 72 -23.16 -5.71 7.61
C GLN A 72 -22.77 -4.89 8.87
N THR A 73 -21.80 -5.38 9.63
CA THR A 73 -21.41 -4.68 10.86
C THR A 73 -20.78 -3.30 10.58
N TYR A 74 -19.96 -3.21 9.52
CA TYR A 74 -19.37 -1.91 9.10
C TYR A 74 -20.42 -0.90 8.69
N ARG A 75 -21.46 -1.35 8.00
CA ARG A 75 -22.55 -0.42 7.68
C ARG A 75 -23.22 0.10 8.96
N GLU A 76 -23.38 -0.77 9.96
CA GLU A 76 -23.94 -0.38 11.27
C GLU A 76 -22.99 0.58 11.96
N SER A 77 -21.70 0.24 12.02
CA SER A 77 -20.69 1.18 12.55
C SER A 77 -20.72 2.54 11.87
N LEU A 78 -20.77 2.57 10.52
CA LEU A 78 -20.87 3.88 9.83
C LEU A 78 -22.08 4.72 10.24
N ARG A 79 -23.26 4.09 10.35
CA ARG A 79 -24.48 4.82 10.82
C ARG A 79 -24.22 5.36 12.24
N ASN A 80 -23.56 4.53 13.07
CA ASN A 80 -23.30 4.91 14.47
C ASN A 80 -22.38 6.07 14.53
N LEU A 81 -21.28 6.00 13.76
CA LEU A 81 -20.31 7.11 13.74
C LEU A 81 -20.86 8.37 13.15
N ARG A 82 -21.71 8.25 12.13
CA ARG A 82 -22.43 9.43 11.66
C ARG A 82 -23.17 10.10 12.84
N GLY A 83 -23.83 9.32 13.67
CA GLY A 83 -24.48 9.88 14.88
C GLY A 83 -23.50 10.47 15.88
N TYR A 84 -22.39 9.79 16.09
CA TYR A 84 -21.43 10.27 17.09
C TYR A 84 -20.86 11.63 16.76
N TYR A 85 -20.82 11.99 15.48
CA TYR A 85 -20.23 13.24 15.03
C TYR A 85 -21.30 14.22 14.55
N ASN A 86 -22.57 13.91 14.84
CA ASN A 86 -23.68 14.82 14.46
C ASN A 86 -23.68 15.17 12.98
N GLN A 87 -23.36 14.20 12.13
CA GLN A 87 -23.19 14.47 10.69
C GLN A 87 -24.48 14.21 9.92
N SER A 88 -24.63 14.91 8.81
CA SER A 88 -25.78 14.73 7.93
C SER A 88 -25.84 13.34 7.29
N GLU A 89 -27.02 12.93 6.86
CA GLU A 89 -27.14 11.67 6.13
C GLU A 89 -26.70 11.83 4.67
N ALA A 90 -26.35 13.05 4.27
CA ALA A 90 -26.03 13.33 2.87
C ALA A 90 -24.58 13.10 2.47
N GLY A 91 -23.66 13.15 3.42
CA GLY A 91 -22.23 13.03 3.09
C GLY A 91 -21.73 11.59 3.06
N SER A 92 -20.68 11.37 2.28
CA SER A 92 -19.92 10.12 2.23
CA SER A 92 -19.96 10.10 2.27
C SER A 92 -18.90 10.10 3.36
N HIS A 93 -18.71 8.95 3.98
CA HIS A 93 -17.72 8.79 5.03
C HIS A 93 -16.99 7.46 4.86
N THR A 94 -15.79 7.38 5.44
CA THR A 94 -14.96 6.17 5.32
C THR A 94 -14.59 5.65 6.69
N LEU A 95 -14.66 4.33 6.87
CA LEU A 95 -14.14 3.73 8.08
C LEU A 95 -13.11 2.74 7.60
N GLN A 96 -11.93 2.78 8.21
CA GLN A 96 -10.87 1.85 7.86
C GLN A 96 -10.40 1.14 9.10
N ARG A 97 -9.96 -0.10 8.94
CA ARG A 97 -9.33 -0.81 10.03
C ARG A 97 -8.11 -1.53 9.48
N MET A 98 -7.04 -1.60 10.25
CA MET A 98 -5.88 -2.42 9.87
CA MET A 98 -5.87 -2.42 9.87
C MET A 98 -5.41 -3.10 11.13
N TYR A 99 -5.19 -4.41 11.02
CA TYR A 99 -4.78 -5.21 12.18
C TYR A 99 -3.92 -6.37 11.79
N GLY A 100 -3.23 -6.96 12.75
CA GLY A 100 -2.39 -8.13 12.44
C GLY A 100 -1.22 -8.26 13.38
N CYS A 101 -0.28 -9.12 13.02
CA CYS A 101 0.76 -9.46 13.96
C CYS A 101 2.11 -9.37 13.29
N ASP A 102 3.16 -9.17 14.09
CA ASP A 102 4.53 -9.20 13.58
C ASP A 102 5.21 -10.34 14.33
N VAL A 103 6.02 -11.14 13.61
CA VAL A 103 6.75 -12.29 14.21
C VAL A 103 8.24 -12.18 13.91
N GLY A 104 9.09 -12.65 14.84
CA GLY A 104 10.55 -12.48 14.68
C GLY A 104 11.07 -13.65 13.86
N PRO A 105 12.39 -13.72 13.62
CA PRO A 105 12.97 -14.84 12.83
C PRO A 105 12.55 -16.24 13.32
N ASP A 106 12.39 -16.40 14.64
CA ASP A 106 11.92 -17.64 15.26
C ASP A 106 10.41 -17.88 15.19
N GLY A 107 9.66 -16.90 14.68
CA GLY A 107 8.21 -17.06 14.52
C GLY A 107 7.41 -16.71 15.76
N ARG A 108 8.07 -16.13 16.77
CA ARG A 108 7.36 -15.66 17.96
C ARG A 108 6.78 -14.25 17.79
N LEU A 109 5.66 -14.01 18.45
CA LEU A 109 4.97 -12.71 18.41
C LEU A 109 5.91 -11.59 18.82
N LEU A 110 6.15 -10.64 17.93
CA LEU A 110 6.87 -9.46 18.34
C LEU A 110 5.91 -8.44 18.91
N ARG A 111 4.80 -8.22 18.18
CA ARG A 111 3.70 -7.39 18.67
C ARG A 111 2.46 -7.56 17.80
N GLY A 112 1.28 -7.21 18.36
CA GLY A 112 0.00 -7.21 17.59
C GLY A 112 -0.46 -5.77 17.39
N HIS A 113 -1.40 -5.58 16.46
CA HIS A 113 -1.84 -4.26 16.08
C HIS A 113 -3.31 -4.38 15.78
N ASP A 114 -4.07 -3.33 16.12
CA ASP A 114 -5.42 -3.16 15.64
C ASP A 114 -5.74 -1.69 15.75
N GLN A 115 -6.01 -1.04 14.63
CA GLN A 115 -6.28 0.38 14.66
C GLN A 115 -7.41 0.66 13.68
N SER A 116 -8.24 1.64 14.04
CA SER A 116 -9.28 2.15 13.14
C SER A 116 -9.21 3.65 12.96
N ALA A 117 -9.72 4.07 11.81
CA ALA A 117 -9.73 5.45 11.39
C ALA A 117 -11.10 5.78 10.77
N TYR A 118 -11.55 7.00 11.01
CA TYR A 118 -12.80 7.50 10.42
C TYR A 118 -12.51 8.75 9.62
N ASP A 119 -12.93 8.75 8.36
CA ASP A 119 -12.56 9.82 7.42
C ASP A 119 -11.07 10.18 7.46
N GLY A 120 -10.21 9.17 7.58
CA GLY A 120 -8.76 9.37 7.45
C GLY A 120 -8.10 9.82 8.75
N LYS A 121 -8.88 9.93 9.82
CA LYS A 121 -8.29 10.38 11.10
C LYS A 121 -8.34 9.24 12.08
N ASP A 122 -7.26 9.06 12.85
CA ASP A 122 -7.25 8.06 13.88
C ASP A 122 -8.49 8.15 14.79
N TYR A 123 -9.08 6.99 15.04
CA TYR A 123 -10.34 6.93 15.76
C TYR A 123 -10.13 6.14 17.07
N ILE A 124 -9.78 4.86 16.95
CA ILE A 124 -9.48 4.01 18.14
C ILE A 124 -8.43 2.96 17.80
N ALA A 125 -7.49 2.71 18.74
CA ALA A 125 -6.40 1.76 18.49
C ALA A 125 -6.27 0.86 19.73
N LEU A 126 -6.12 -0.44 19.49
CA LEU A 126 -5.67 -1.34 20.56
C LEU A 126 -4.22 -0.99 20.98
N ASN A 127 -3.97 -0.83 22.28
CA ASN A 127 -2.62 -0.50 22.72
C ASN A 127 -1.72 -1.72 22.60
N GLU A 128 -0.42 -1.50 22.67
CA GLU A 128 0.56 -2.61 22.47
C GLU A 128 0.39 -3.72 23.53
N ASP A 129 -0.11 -3.36 24.71
CA ASP A 129 -0.45 -4.39 25.73
C ASP A 129 -1.56 -5.40 25.37
N LEU A 130 -2.24 -5.14 24.24
CA LEU A 130 -3.38 -5.93 23.81
C LEU A 130 -4.50 -6.04 24.84
N SER A 131 -4.63 -5.06 25.72
CA SER A 131 -5.65 -5.17 26.75
C SER A 131 -6.40 -3.87 27.02
N SER A 132 -5.99 -2.76 26.41
CA SER A 132 -6.69 -1.50 26.61
C SER A 132 -6.71 -0.76 25.28
N TRP A 133 -7.51 0.28 25.21
CA TRP A 133 -7.75 1.02 23.98
C TRP A 133 -7.30 2.44 24.16
N THR A 134 -6.88 3.08 23.08
CA THR A 134 -6.66 4.52 23.03
C THR A 134 -7.68 5.15 22.05
N ALA A 135 -8.57 5.98 22.60
CA ALA A 135 -9.66 6.61 21.82
C ALA A 135 -9.28 8.03 21.47
N ALA A 136 -9.44 8.39 20.21
CA ALA A 136 -8.95 9.68 19.77
C ALA A 136 -9.77 10.87 20.30
N ASP A 137 -11.03 10.66 20.65
CA ASP A 137 -11.92 11.77 20.96
C ASP A 137 -13.14 11.23 21.65
N THR A 138 -14.10 12.10 21.98
CA THR A 138 -15.26 11.67 22.76
C THR A 138 -16.20 10.72 22.02
N ALA A 139 -16.16 10.75 20.68
CA ALA A 139 -16.93 9.78 19.92
C ALA A 139 -16.28 8.41 20.10
N ALA A 140 -14.97 8.34 19.86
CA ALA A 140 -14.28 7.03 19.99
C ALA A 140 -14.40 6.47 21.43
N GLN A 141 -14.58 7.37 22.41
CA GLN A 141 -14.87 6.90 23.79
C GLN A 141 -16.13 6.09 23.89
N ILE A 142 -17.16 6.38 23.07
CA ILE A 142 -18.38 5.57 23.11
C ILE A 142 -18.10 4.17 22.57
N THR A 143 -17.35 4.12 21.46
CA THR A 143 -16.92 2.80 20.96
C THR A 143 -16.08 2.08 22.02
N GLN A 144 -15.15 2.78 22.64
CA GLN A 144 -14.30 2.12 23.63
C GLN A 144 -15.14 1.49 24.75
N ARG A 145 -16.14 2.24 25.25
CA ARG A 145 -17.05 1.71 26.27
C ARG A 145 -17.80 0.47 25.82
N LYS A 146 -18.34 0.47 24.60
CA LYS A 146 -18.97 -0.73 24.00
C LYS A 146 -18.04 -1.91 23.91
N TRP A 147 -16.84 -1.67 23.42
CA TRP A 147 -15.85 -2.74 23.29
C TRP A 147 -15.34 -3.30 24.64
N GLU A 148 -15.12 -2.42 25.61
CA GLU A 148 -14.82 -2.84 27.00
C GLU A 148 -15.90 -3.76 27.55
N ALA A 149 -17.16 -3.39 27.35
CA ALA A 149 -18.31 -4.15 27.79
C ALA A 149 -18.40 -5.51 27.12
N ALA A 150 -18.08 -5.55 25.84
CA ALA A 150 -18.14 -6.77 25.07
C ALA A 150 -16.85 -7.61 25.21
N ARG A 151 -15.92 -7.15 26.02
CA ARG A 151 -14.62 -7.82 26.23
C ARG A 151 -13.85 -8.04 24.91
N GLU A 152 -13.85 -7.00 24.08
CA GLU A 152 -13.16 -7.05 22.78
C GLU A 152 -11.66 -7.22 22.89
N ALA A 153 -11.02 -6.52 23.82
CA ALA A 153 -9.57 -6.55 23.89
C ALA A 153 -9.07 -7.98 24.14
N GLU A 154 -9.79 -8.72 24.97
CA GLU A 154 -9.43 -10.11 25.30
C GLU A 154 -9.51 -11.02 24.07
N GLN A 155 -10.52 -10.76 23.24
CA GLN A 155 -10.72 -11.44 21.96
CA GLN A 155 -10.66 -11.49 22.00
C GLN A 155 -9.55 -11.15 20.99
N TRP A 156 -9.12 -9.89 20.99
CA TRP A 156 -7.99 -9.47 20.15
C TRP A 156 -6.71 -10.10 20.65
N ARG A 157 -6.47 -10.07 21.96
CA ARG A 157 -5.27 -10.72 22.48
C ARG A 157 -5.20 -12.19 22.09
N ALA A 158 -6.30 -12.94 22.29
CA ALA A 158 -6.37 -14.38 21.94
C ALA A 158 -6.03 -14.60 20.47
N TYR A 159 -6.65 -13.79 19.61
CA TYR A 159 -6.43 -13.87 18.15
C TYR A 159 -4.97 -13.57 17.78
N LEU A 160 -4.47 -12.45 18.30
CA LEU A 160 -3.16 -11.94 17.95
C LEU A 160 -2.03 -12.86 18.41
N GLU A 161 -2.17 -13.49 19.59
CA GLU A 161 -1.14 -14.35 20.17
C GLU A 161 -1.31 -15.78 19.67
N GLY A 162 -2.45 -16.04 19.06
CA GLY A 162 -2.89 -17.40 18.74
C GLY A 162 -2.98 -17.59 17.24
N LEU A 163 -4.19 -17.51 16.71
CA LEU A 163 -4.43 -17.80 15.30
C LEU A 163 -3.61 -16.93 14.36
N CYS A 164 -3.42 -15.65 14.71
CA CYS A 164 -2.67 -14.74 13.81
C CYS A 164 -1.25 -15.24 13.60
N VAL A 165 -0.54 -15.52 14.68
CA VAL A 165 0.81 -16.04 14.64
C VAL A 165 0.89 -17.42 14.00
N GLU A 166 -0.05 -18.29 14.37
CA GLU A 166 -0.08 -19.67 13.86
C GLU A 166 -0.26 -19.69 12.36
N TRP A 167 -1.22 -18.91 11.86
CA TRP A 167 -1.50 -18.89 10.42
C TRP A 167 -0.44 -18.12 9.60
N LEU A 168 0.13 -17.07 10.19
CA LEU A 168 1.25 -16.42 9.53
C LEU A 168 2.40 -17.42 9.33
N ARG A 169 2.68 -18.22 10.36
CA ARG A 169 3.74 -19.22 10.27
C ARG A 169 3.40 -20.24 9.17
N ARG A 170 2.14 -20.65 9.08
CA ARG A 170 1.74 -21.58 8.01
C ARG A 170 1.90 -20.96 6.63
N TYR A 171 1.47 -19.71 6.47
CA TYR A 171 1.59 -19.02 5.17
C TYR A 171 3.05 -18.89 4.76
N LEU A 172 3.89 -18.44 5.70
CA LEU A 172 5.34 -18.33 5.48
C LEU A 172 6.01 -19.63 4.99
N GLU A 173 5.58 -20.75 5.54
CA GLU A 173 6.04 -22.09 5.09
C GLU A 173 5.47 -22.50 3.72
N ASN A 174 4.15 -22.32 3.56
CA ASN A 174 3.51 -22.62 2.27
C ASN A 174 3.98 -21.78 1.11
N GLY A 175 4.25 -20.49 1.39
CA GLY A 175 4.80 -19.61 0.36
C GLY A 175 6.27 -19.30 0.51
N LYS A 176 7.03 -20.18 1.18
CA LYS A 176 8.45 -19.93 1.47
C LYS A 176 9.26 -19.50 0.25
N GLU A 177 8.96 -20.08 -0.93
CA GLU A 177 9.74 -19.76 -2.13
C GLU A 177 9.70 -18.31 -2.55
N THR A 178 8.67 -17.59 -2.11
CA THR A 178 8.53 -16.19 -2.46
C THR A 178 8.52 -15.30 -1.19
N LEU A 179 7.71 -15.64 -0.20
CA LEU A 179 7.60 -14.82 1.00
C LEU A 179 8.92 -14.72 1.78
N GLN A 180 9.68 -15.81 1.73
CA GLN A 180 10.96 -15.84 2.43
C GLN A 180 12.16 -15.68 1.47
N ARG A 181 11.90 -15.16 0.28
CA ARG A 181 12.97 -14.88 -0.66
C ARG A 181 13.04 -13.39 -0.80
N ALA A 182 14.16 -12.82 -0.37
CA ALA A 182 14.47 -11.40 -0.62
C ALA A 182 15.18 -11.19 -1.98
N ASP A 183 14.57 -10.42 -2.87
CA ASP A 183 15.20 -10.15 -4.20
C ASP A 183 15.90 -8.81 -4.13
N PRO A 184 17.25 -8.80 -4.34
CA PRO A 184 17.96 -7.53 -4.18
C PRO A 184 17.67 -6.57 -5.34
N PRO A 185 17.90 -5.28 -5.11
CA PRO A 185 17.69 -4.36 -6.18
C PRO A 185 18.80 -4.46 -7.21
N LYS A 186 18.40 -4.39 -8.47
CA LYS A 186 19.28 -4.05 -9.58
C LYS A 186 19.46 -2.53 -9.57
N THR A 187 20.69 -2.08 -9.43
CA THR A 187 20.98 -0.65 -9.26
C THR A 187 21.83 -0.06 -10.39
N HIS A 188 21.59 1.22 -10.71
CA HIS A 188 22.38 1.96 -11.69
C HIS A 188 22.28 3.47 -11.41
N VAL A 189 23.27 4.25 -11.88
CA VAL A 189 23.25 5.71 -11.73
C VAL A 189 23.19 6.30 -13.15
N THR A 190 22.22 7.17 -13.36
CA THR A 190 22.12 7.90 -14.63
C THR A 190 22.40 9.39 -14.38
N HIS A 191 22.77 10.09 -15.45
CA HIS A 191 23.26 11.47 -15.38
C HIS A 191 22.47 12.25 -16.45
N HIS A 192 21.85 13.35 -16.07
CA HIS A 192 21.00 14.11 -16.99
C HIS A 192 21.41 15.59 -16.84
N PRO A 193 22.18 16.13 -17.80
CA PRO A 193 22.46 17.57 -17.76
C PRO A 193 21.17 18.42 -17.66
N ILE A 194 21.19 19.39 -16.77
CA ILE A 194 20.08 20.30 -16.58
C ILE A 194 20.44 21.55 -17.37
N SER A 195 21.71 21.96 -17.26
CA SER A 195 22.22 23.18 -17.85
C SER A 195 23.72 23.02 -18.01
N ASP A 196 24.40 24.08 -18.45
CA ASP A 196 25.85 24.08 -18.51
C ASP A 196 26.45 23.89 -17.11
N HIS A 197 25.71 24.27 -16.09
CA HIS A 197 26.26 24.47 -14.76
C HIS A 197 25.96 23.26 -13.84
N GLU A 198 24.96 22.48 -14.21
CA GLU A 198 24.41 21.46 -13.30
C GLU A 198 23.92 20.25 -14.05
N ALA A 199 23.94 19.10 -13.37
CA ALA A 199 23.34 17.89 -13.89
C ALA A 199 22.60 17.12 -12.75
N THR A 200 21.69 16.25 -13.13
CA THR A 200 21.02 15.38 -12.15
C THR A 200 21.71 14.03 -12.15
N LEU A 201 22.13 13.58 -10.98
CA LEU A 201 22.49 12.18 -10.81
C LEU A 201 21.28 11.45 -10.22
N ARG A 202 20.83 10.38 -10.86
CA ARG A 202 19.68 9.62 -10.35
C ARG A 202 20.10 8.19 -10.07
N CYS A 203 19.93 7.79 -8.83
CA CYS A 203 20.31 6.44 -8.40
C CYS A 203 19.03 5.60 -8.41
N TRP A 204 19.03 4.54 -9.19
CA TRP A 204 17.86 3.65 -9.37
C TRP A 204 18.01 2.33 -8.66
N ALA A 205 16.91 1.85 -8.09
CA ALA A 205 16.86 0.49 -7.57
C ALA A 205 15.59 -0.15 -8.12
N LEU A 206 15.73 -1.30 -8.76
CA LEU A 206 14.64 -1.95 -9.46
C LEU A 206 14.60 -3.44 -9.14
N GLY A 207 13.40 -4.00 -9.20
CA GLY A 207 13.18 -5.42 -9.11
C GLY A 207 13.32 -5.98 -7.70
N PHE A 208 13.23 -5.13 -6.69
CA PHE A 208 13.50 -5.63 -5.34
C PHE A 208 12.22 -6.08 -4.61
N TYR A 209 12.42 -7.00 -3.67
CA TYR A 209 11.37 -7.46 -2.75
C TYR A 209 12.06 -7.88 -1.43
N PRO A 210 11.54 -7.46 -0.26
CA PRO A 210 10.33 -6.68 -0.01
C PRO A 210 10.56 -5.19 -0.31
N ALA A 211 9.54 -4.36 -0.06
CA ALA A 211 9.59 -2.94 -0.41
C ALA A 211 10.60 -2.16 0.42
N GLU A 212 10.86 -2.59 1.65
CA GLU A 212 11.78 -1.87 2.54
C GLU A 212 13.16 -1.70 1.87
N ILE A 213 13.59 -0.44 1.72
CA ILE A 213 14.87 -0.13 1.07
C ILE A 213 15.34 1.22 1.58
N THR A 214 16.64 1.44 1.58
CA THR A 214 17.16 2.76 1.89
CA THR A 214 17.18 2.76 1.89
C THR A 214 18.13 3.17 0.78
N LEU A 215 17.83 4.34 0.20
CA LEU A 215 18.63 4.94 -0.90
C LEU A 215 19.03 6.32 -0.46
N THR A 216 20.33 6.54 -0.40
CA THR A 216 20.83 7.85 0.02
CA THR A 216 20.89 7.80 0.09
C THR A 216 21.94 8.29 -0.91
N TRP A 217 22.10 9.64 -1.02
CA TRP A 217 23.23 10.25 -1.73
C TRP A 217 24.11 10.90 -0.71
N GLN A 218 25.41 10.71 -0.87
CA GLN A 218 26.40 11.42 -0.07
C GLN A 218 27.25 12.30 -0.97
N ARG A 219 27.66 13.46 -0.47
CA ARG A 219 28.68 14.27 -1.15
C ARG A 219 29.81 14.43 -0.16
N ASP A 220 31.01 13.99 -0.57
CA ASP A 220 32.20 13.94 0.28
C ASP A 220 31.87 13.22 1.60
N GLY A 221 31.27 12.05 1.49
CA GLY A 221 30.78 11.27 2.65
C GLY A 221 29.73 11.91 3.56
N GLU A 222 29.24 13.10 3.25
CA GLU A 222 28.13 13.67 4.04
C GLU A 222 26.78 13.39 3.36
N ASP A 223 25.84 12.82 4.10
CA ASP A 223 24.47 12.58 3.59
C ASP A 223 23.87 13.87 3.06
N GLN A 224 23.13 13.77 1.97
CA GLN A 224 22.55 14.91 1.28
C GLN A 224 21.03 14.94 1.43
N THR A 225 20.56 14.77 2.66
CA THR A 225 19.13 14.59 2.93
C THR A 225 18.28 15.71 2.38
N GLN A 226 18.55 16.94 2.81
CA GLN A 226 17.81 18.10 2.32
C GLN A 226 17.81 18.29 0.80
N ASP A 227 18.86 17.80 0.12
CA ASP A 227 19.01 18.05 -1.33
C ASP A 227 18.56 16.91 -2.22
N THR A 228 18.26 15.76 -1.62
CA THR A 228 17.90 14.56 -2.36
C THR A 228 16.41 14.51 -2.65
N GLU A 229 16.06 14.36 -3.93
CA GLU A 229 14.71 14.07 -4.30
C GLU A 229 14.53 12.58 -4.29
N LEU A 230 13.68 12.11 -3.39
CA LEU A 230 13.48 10.69 -3.18
C LEU A 230 12.05 10.42 -3.60
N VAL A 231 11.78 9.52 -4.56
CA VAL A 231 10.39 9.24 -4.90
C VAL A 231 9.85 8.12 -4.01
N GLU A 232 8.53 8.11 -3.78
CA GLU A 232 7.92 7.01 -3.06
C GLU A 232 8.26 5.69 -3.73
N THR A 233 8.58 4.68 -2.91
CA THR A 233 8.71 3.29 -3.41
C THR A 233 7.45 2.84 -4.14
N ARG A 234 7.61 2.23 -5.31
CA ARG A 234 6.43 2.02 -6.18
C ARG A 234 6.41 0.60 -6.68
N PRO A 235 5.23 -0.01 -6.85
CA PRO A 235 5.18 -1.37 -7.32
C PRO A 235 5.41 -1.46 -8.85
N ALA A 236 6.16 -2.49 -9.25
CA ALA A 236 6.44 -2.75 -10.66
C ALA A 236 5.28 -3.48 -11.29
N GLY A 237 4.49 -4.19 -10.48
CA GLY A 237 3.35 -5.00 -10.95
C GLY A 237 3.65 -6.49 -11.06
N ASP A 238 4.89 -6.87 -10.84
CA ASP A 238 5.29 -8.29 -10.87
C ASP A 238 5.77 -8.84 -9.48
N ARG A 239 5.23 -8.24 -8.42
CA ARG A 239 5.61 -8.45 -6.98
C ARG A 239 6.73 -7.55 -6.50
N THR A 240 7.56 -7.04 -7.41
CA THR A 240 8.72 -6.26 -7.03
C THR A 240 8.44 -4.77 -6.97
N PHE A 241 9.42 -4.02 -6.48
CA PHE A 241 9.28 -2.60 -6.28
C PHE A 241 10.40 -1.82 -6.93
N GLN A 242 10.19 -0.52 -7.07
CA GLN A 242 11.15 0.39 -7.65
C GLN A 242 11.30 1.60 -6.78
N LYS A 243 12.45 2.24 -6.85
CA LYS A 243 12.65 3.50 -6.16
C LYS A 243 13.83 4.20 -6.83
N TRP A 244 13.83 5.52 -6.80
CA TRP A 244 15.06 6.26 -7.11
C TRP A 244 15.27 7.47 -6.21
N ALA A 245 16.53 7.91 -6.14
CA ALA A 245 16.94 9.11 -5.42
C ALA A 245 17.74 9.96 -6.36
N ALA A 246 17.48 11.26 -6.38
CA ALA A 246 18.18 12.18 -7.26
C ALA A 246 18.80 13.36 -6.53
N VAL A 247 19.95 13.79 -7.03
CA VAL A 247 20.59 15.03 -6.57
C VAL A 247 21.04 15.85 -7.78
N VAL A 248 21.01 17.17 -7.62
CA VAL A 248 21.50 18.09 -8.63
C VAL A 248 22.90 18.49 -8.22
N VAL A 249 23.84 18.23 -9.12
CA VAL A 249 25.22 18.44 -8.77
C VAL A 249 25.84 19.46 -9.74
N PRO A 250 26.80 20.27 -9.24
CA PRO A 250 27.54 21.13 -10.18
C PRO A 250 28.34 20.29 -11.20
N SER A 251 28.31 20.72 -12.46
CA SER A 251 29.11 20.09 -13.52
C SER A 251 30.56 19.90 -13.16
N GLY A 252 31.08 18.72 -13.48
CA GLY A 252 32.44 18.35 -13.10
C GLY A 252 32.66 17.95 -11.64
N GLU A 253 31.64 18.03 -10.79
CA GLU A 253 31.73 17.50 -9.42
C GLU A 253 31.09 16.12 -9.19
N GLU A 254 30.73 15.43 -10.27
CA GLU A 254 29.98 14.18 -10.14
C GLU A 254 30.66 13.12 -9.25
N GLN A 255 31.98 13.08 -9.27
CA GLN A 255 32.72 12.03 -8.58
C GLN A 255 32.80 12.25 -7.10
N ARG A 256 32.29 13.39 -6.65
CA ARG A 256 32.27 13.63 -5.20
C ARG A 256 31.03 12.98 -4.59
N TYR A 257 30.17 12.44 -5.46
CA TYR A 257 28.88 11.95 -5.03
C TYR A 257 28.81 10.44 -5.10
N THR A 258 28.28 9.84 -4.02
CA THR A 258 28.08 8.39 -4.02
C THR A 258 26.65 8.07 -3.58
N CYS A 259 26.08 7.09 -4.26
CA CYS A 259 24.75 6.55 -3.94
C CYS A 259 24.92 5.31 -3.02
N HIS A 260 24.21 5.30 -1.91
CA HIS A 260 24.24 4.15 -0.98
C HIS A 260 22.89 3.41 -0.92
N VAL A 261 22.94 2.08 -1.08
CA VAL A 261 21.74 1.22 -1.12
C VAL A 261 21.80 0.15 -0.04
N GLN A 262 20.76 0.10 0.81
CA GLN A 262 20.61 -1.03 1.74
C GLN A 262 19.29 -1.74 1.50
N HIS A 263 19.39 -3.05 1.36
CA HIS A 263 18.23 -3.91 1.19
C HIS A 263 18.56 -5.30 1.71
N GLU A 264 17.60 -5.96 2.34
CA GLU A 264 17.90 -7.27 2.96
C GLU A 264 18.28 -8.37 1.97
N GLY A 265 17.96 -8.19 0.69
CA GLY A 265 18.31 -9.14 -0.37
C GLY A 265 19.78 -9.08 -0.81
N LEU A 266 20.48 -8.05 -0.35
CA LEU A 266 21.84 -7.75 -0.78
C LEU A 266 22.81 -8.43 0.15
N PRO A 267 23.75 -9.21 -0.41
CA PRO A 267 24.84 -9.77 0.42
C PRO A 267 25.55 -8.67 1.22
N LYS A 268 25.81 -7.53 0.56
CA LYS A 268 26.52 -6.39 1.16
C LYS A 268 25.86 -5.09 0.66
N PRO A 269 25.69 -4.07 1.53
CA PRO A 269 25.20 -2.74 1.10
C PRO A 269 26.11 -2.15 0.04
N LEU A 270 25.50 -1.48 -0.95
CA LEU A 270 26.19 -1.04 -2.15
C LEU A 270 26.56 0.43 -2.09
N THR A 271 27.72 0.75 -2.65
CA THR A 271 28.09 2.15 -2.90
C THR A 271 28.22 2.21 -4.41
N LEU A 272 27.53 3.19 -5.01
CA LEU A 272 27.49 3.39 -6.44
C LEU A 272 27.93 4.80 -6.81
N ARG A 273 28.57 4.91 -7.95
CA ARG A 273 28.99 6.20 -8.50
C ARG A 273 28.50 6.27 -9.92
N TRP A 274 28.38 7.47 -10.45
CA TRP A 274 28.15 7.58 -11.87
C TRP A 274 29.42 7.14 -12.58
N GLU A 275 29.22 6.26 -13.55
CA GLU A 275 30.33 5.72 -14.32
C GLU A 275 30.12 6.21 -15.75
N PRO A 276 30.82 7.29 -16.14
CA PRO A 276 30.58 7.92 -17.45
C PRO A 276 31.09 7.01 -18.57
N ILE B 1 -11.08 14.08 6.54
CA ILE B 1 -9.99 14.90 5.90
C ILE B 1 -9.80 14.47 4.44
N GLN B 2 -9.31 15.38 3.59
CA GLN B 2 -9.07 15.05 2.18
C GLN B 2 -7.59 15.25 1.83
N ARG B 3 -7.05 14.27 1.11
CA ARG B 3 -5.64 14.28 0.76
C ARG B 3 -5.52 14.06 -0.73
N THR B 4 -4.65 14.86 -1.36
CA THR B 4 -4.57 14.84 -2.80
C THR B 4 -3.63 13.71 -3.26
N PRO B 5 -3.98 13.05 -4.37
CA PRO B 5 -3.15 11.96 -4.87
C PRO B 5 -1.76 12.42 -5.34
N LYS B 6 -0.75 11.63 -4.97
CA LYS B 6 0.54 11.66 -5.64
C LYS B 6 0.42 10.73 -6.83
N ILE B 7 1.18 11.00 -7.90
CA ILE B 7 1.08 10.25 -9.15
C ILE B 7 2.49 10.01 -9.67
N GLN B 8 2.74 8.76 -10.03
CA GLN B 8 3.97 8.38 -10.76
C GLN B 8 3.59 7.52 -11.94
N VAL B 9 4.18 7.87 -13.09
CA VAL B 9 3.97 7.15 -14.34
C VAL B 9 5.33 6.59 -14.80
N TYR B 10 5.38 5.30 -15.09
CA TYR B 10 6.65 4.60 -15.30
C TYR B 10 6.35 3.25 -15.86
N SER B 11 7.39 2.55 -16.34
CA SER B 11 7.22 1.22 -16.89
C SER B 11 7.65 0.14 -15.91
N ARG B 12 7.12 -1.06 -16.08
CA ARG B 12 7.49 -2.18 -15.27
C ARG B 12 8.97 -2.55 -15.42
N HIS B 13 9.44 -2.62 -16.67
CA HIS B 13 10.86 -2.89 -16.99
C HIS B 13 11.43 -1.64 -17.64
N PRO B 14 12.77 -1.48 -17.67
CA PRO B 14 13.23 -0.26 -18.38
C PRO B 14 12.80 -0.28 -19.86
N ALA B 15 12.47 0.90 -20.40
CA ALA B 15 11.85 0.95 -21.71
C ALA B 15 12.82 0.67 -22.86
N GLU B 16 12.41 -0.25 -23.73
CA GLU B 16 13.10 -0.59 -24.98
C GLU B 16 12.12 -0.43 -26.16
N ASN B 17 12.24 0.66 -26.92
CA ASN B 17 11.43 0.83 -28.15
C ASN B 17 11.20 -0.50 -28.88
N GLY B 18 9.94 -0.80 -29.16
CA GLY B 18 9.59 -2.06 -29.84
C GLY B 18 9.46 -3.33 -29.00
N LYS B 19 9.82 -3.27 -27.72
CA LYS B 19 9.66 -4.44 -26.87
C LYS B 19 8.47 -4.31 -25.90
N SER B 20 7.65 -5.35 -25.82
CA SER B 20 6.46 -5.38 -24.97
C SER B 20 6.88 -5.09 -23.52
N ASN B 21 6.10 -4.26 -22.83
CA ASN B 21 6.42 -3.81 -21.47
C ASN B 21 5.06 -3.59 -20.79
N PHE B 22 5.08 -2.99 -19.61
CA PHE B 22 3.84 -2.56 -18.92
C PHE B 22 3.93 -1.10 -18.57
N LEU B 23 2.86 -0.37 -18.86
CA LEU B 23 2.80 1.03 -18.48
C LEU B 23 2.05 1.13 -17.15
N ASN B 24 2.66 1.78 -16.17
CA ASN B 24 2.08 1.89 -14.83
C ASN B 24 1.75 3.31 -14.46
N CYS B 25 0.62 3.49 -13.76
CA CYS B 25 0.33 4.76 -13.12
C CYS B 25 0.00 4.38 -11.69
N TYR B 26 0.84 4.80 -10.76
CA TYR B 26 0.68 4.48 -9.36
C TYR B 26 0.17 5.76 -8.69
N VAL B 27 -1.03 5.69 -8.14
CA VAL B 27 -1.58 6.85 -7.45
C VAL B 27 -1.62 6.55 -5.97
N SER B 28 -1.18 7.48 -5.15
CA SER B 28 -1.07 7.17 -3.74
C SER B 28 -1.24 8.42 -2.87
N GLY B 29 -1.33 8.20 -1.56
CA GLY B 29 -1.37 9.28 -0.61
C GLY B 29 -2.69 10.00 -0.61
N PHE B 30 -3.74 9.39 -1.13
CA PHE B 30 -5.01 10.11 -1.31
C PHE B 30 -6.10 9.68 -0.36
N HIS B 31 -7.08 10.58 -0.15
CA HIS B 31 -8.20 10.26 0.73
C HIS B 31 -9.31 11.27 0.42
N PRO B 32 -10.55 10.82 0.25
CA PRO B 32 -11.08 9.46 0.32
C PRO B 32 -10.71 8.60 -0.92
N SER B 33 -11.27 7.41 -0.98
CA SER B 33 -10.75 6.35 -1.85
C SER B 33 -11.23 6.45 -3.30
N ASP B 34 -12.33 7.18 -3.54
CA ASP B 34 -12.81 7.30 -4.92
C ASP B 34 -11.86 8.13 -5.77
N ILE B 35 -11.48 7.57 -6.91
CA ILE B 35 -10.52 8.26 -7.76
C ILE B 35 -10.71 7.79 -9.21
N GLU B 36 -10.48 8.69 -10.16
CA GLU B 36 -10.60 8.44 -11.60
C GLU B 36 -9.20 8.47 -12.14
N VAL B 37 -8.77 7.33 -12.68
CA VAL B 37 -7.42 7.21 -13.28
C VAL B 37 -7.50 6.69 -14.72
N ASP B 38 -7.00 7.48 -15.66
CA ASP B 38 -6.87 6.96 -17.03
C ASP B 38 -5.43 7.00 -17.50
N LEU B 39 -5.08 5.95 -18.23
CA LEU B 39 -3.85 5.92 -19.03
C LEU B 39 -4.14 6.42 -20.45
N LEU B 40 -3.33 7.38 -20.91
CA LEU B 40 -3.48 7.98 -22.25
C LEU B 40 -2.37 7.50 -23.21
N LYS B 41 -2.75 7.27 -24.46
CA LYS B 41 -1.81 7.02 -25.56
C LYS B 41 -2.07 8.11 -26.61
N ASN B 42 -1.21 9.12 -26.64
CA ASN B 42 -1.32 10.28 -27.54
C ASN B 42 -2.58 11.10 -27.28
N GLY B 43 -2.86 11.32 -26.00
CA GLY B 43 -4.03 12.10 -25.55
C GLY B 43 -5.34 11.36 -25.45
N GLU B 44 -5.39 10.14 -26.00
CA GLU B 44 -6.60 9.34 -26.05
C GLU B 44 -6.56 8.19 -25.06
N ARG B 45 -7.70 7.96 -24.41
CA ARG B 45 -7.82 6.95 -23.35
C ARG B 45 -7.61 5.52 -23.84
N ILE B 46 -6.65 4.80 -23.25
CA ILE B 46 -6.51 3.36 -23.54
C ILE B 46 -7.55 2.59 -22.73
N GLU B 47 -8.04 1.51 -23.31
CA GLU B 47 -9.29 0.91 -22.90
C GLU B 47 -9.21 -0.20 -21.86
N LYS B 48 -8.38 -1.20 -22.08
CA LYS B 48 -8.47 -2.39 -21.23
C LYS B 48 -7.49 -2.36 -20.05
N VAL B 49 -7.57 -1.31 -19.24
CA VAL B 49 -6.62 -1.06 -18.14
C VAL B 49 -7.08 -1.75 -16.84
N GLU B 50 -6.18 -2.46 -16.16
CA GLU B 50 -6.50 -3.12 -14.90
C GLU B 50 -5.96 -2.31 -13.71
N HIS B 51 -6.39 -2.68 -12.51
CA HIS B 51 -5.80 -2.08 -11.32
C HIS B 51 -5.75 -3.05 -10.15
N SER B 52 -4.90 -2.72 -9.18
CA SER B 52 -4.78 -3.51 -7.95
C SER B 52 -6.04 -3.35 -7.11
N ASP B 53 -6.20 -4.23 -6.12
CA ASP B 53 -7.33 -4.12 -5.15
C ASP B 53 -7.01 -2.98 -4.18
N LEU B 54 -8.03 -2.23 -3.76
CA LEU B 54 -7.84 -1.06 -2.87
C LEU B 54 -7.13 -1.43 -1.58
N SER B 55 -6.00 -0.79 -1.31
CA SER B 55 -5.39 -0.92 0.00
C SER B 55 -4.97 0.45 0.49
N PHE B 56 -4.37 0.48 1.67
CA PHE B 56 -3.93 1.75 2.20
C PHE B 56 -2.68 1.56 3.05
N SER B 57 -1.96 2.66 3.25
CA SER B 57 -0.70 2.71 3.98
C SER B 57 -0.93 2.98 5.47
N LYS B 58 0.16 2.96 6.26
CA LYS B 58 0.08 3.11 7.71
C LYS B 58 -0.52 4.44 8.09
N ASP B 59 -0.39 5.47 7.22
CA ASP B 59 -0.99 6.78 7.50
C ASP B 59 -2.45 6.87 7.00
N TRP B 60 -3.04 5.73 6.64
CA TRP B 60 -4.46 5.58 6.20
C TRP B 60 -4.73 6.01 4.77
N SER B 61 -3.73 6.60 4.08
CA SER B 61 -3.98 7.05 2.74
C SER B 61 -4.00 5.85 1.77
N PHE B 62 -4.84 5.97 0.71
CA PHE B 62 -5.05 4.87 -0.22
C PHE B 62 -4.01 4.87 -1.31
N TYR B 63 -3.84 3.69 -1.91
CA TYR B 63 -3.00 3.56 -3.09
C TYR B 63 -3.56 2.51 -4.02
N LEU B 64 -3.32 2.76 -5.32
CA LEU B 64 -3.74 1.89 -6.40
C LEU B 64 -2.68 1.93 -7.48
N LEU B 65 -2.43 0.76 -8.08
CA LEU B 65 -1.72 0.64 -9.33
C LEU B 65 -2.65 0.31 -10.50
N TYR B 66 -2.66 1.21 -11.48
CA TYR B 66 -3.32 1.00 -12.79
C TYR B 66 -2.20 0.67 -13.79
N TYR B 67 -2.45 -0.32 -14.62
CA TYR B 67 -1.45 -0.85 -15.53
C TYR B 67 -2.09 -1.45 -16.78
N THR B 68 -1.34 -1.35 -17.87
CA THR B 68 -1.72 -2.00 -19.13
C THR B 68 -0.43 -2.47 -19.83
N GLU B 69 -0.49 -3.58 -20.54
CA GLU B 69 0.54 -4.01 -21.50
C GLU B 69 0.71 -2.93 -22.59
N PHE B 70 1.94 -2.51 -22.85
CA PHE B 70 2.24 -1.57 -23.95
C PHE B 70 3.59 -1.85 -24.61
N THR B 71 3.82 -1.25 -25.77
CA THR B 71 5.10 -1.36 -26.47
C THR B 71 5.61 0.04 -26.80
N PRO B 72 6.60 0.52 -26.04
CA PRO B 72 7.18 1.86 -26.25
C PRO B 72 7.81 2.02 -27.63
N THR B 73 7.74 3.24 -28.16
CA THR B 73 8.40 3.63 -29.40
C THR B 73 8.87 5.08 -29.19
N GLU B 74 9.67 5.61 -30.11
CA GLU B 74 10.04 7.02 -30.01
C GLU B 74 8.83 7.89 -30.37
N LYS B 75 7.89 7.31 -31.12
CA LYS B 75 6.74 8.03 -31.66
C LYS B 75 5.70 8.35 -30.57
N ASP B 76 5.12 7.31 -30.00
CA ASP B 76 3.95 7.45 -29.14
C ASP B 76 4.23 8.15 -27.81
N GLU B 77 3.34 9.07 -27.44
CA GLU B 77 3.37 9.65 -26.11
C GLU B 77 2.42 8.89 -25.19
N TYR B 78 2.78 8.84 -23.91
CA TYR B 78 1.93 8.17 -22.92
C TYR B 78 1.79 9.07 -21.71
N ALA B 79 0.63 9.02 -21.09
CA ALA B 79 0.40 9.77 -19.87
C ALA B 79 -0.65 9.09 -18.98
N CYS B 80 -0.76 9.63 -17.78
CA CYS B 80 -1.77 9.20 -16.84
C CYS B 80 -2.63 10.40 -16.51
N ARG B 81 -3.94 10.24 -16.58
CA ARG B 81 -4.86 11.34 -16.21
C ARG B 81 -5.66 10.99 -14.95
N VAL B 82 -5.55 11.85 -13.97
CA VAL B 82 -6.12 11.56 -12.66
C VAL B 82 -7.11 12.62 -12.24
N ASN B 83 -8.28 12.19 -11.78
CA ASN B 83 -9.19 13.09 -11.11
C ASN B 83 -9.59 12.55 -9.73
N HIS B 84 -9.69 13.48 -8.80
CA HIS B 84 -9.98 13.19 -7.40
C HIS B 84 -10.76 14.39 -6.93
N VAL B 85 -11.48 14.24 -5.82
CA VAL B 85 -12.32 15.30 -5.29
C VAL B 85 -11.44 16.50 -4.92
N THR B 86 -10.16 16.25 -4.61
CA THR B 86 -9.25 17.33 -4.23
C THR B 86 -8.74 18.18 -5.41
N LEU B 87 -9.03 17.74 -6.62
CA LEU B 87 -8.48 18.37 -7.84
C LEU B 87 -9.58 19.14 -8.56
N SER B 88 -9.39 20.44 -8.72
CA SER B 88 -10.29 21.28 -9.51
C SER B 88 -10.52 20.72 -10.91
N GLN B 89 -9.44 20.30 -11.56
CA GLN B 89 -9.51 19.76 -12.91
C GLN B 89 -8.62 18.51 -12.95
N PRO B 90 -8.86 17.57 -13.89
CA PRO B 90 -7.99 16.40 -13.89
C PRO B 90 -6.52 16.75 -14.02
N LYS B 91 -5.67 15.93 -13.41
CA LYS B 91 -4.23 16.12 -13.49
C LYS B 91 -3.61 15.18 -14.53
N ILE B 92 -2.78 15.73 -15.40
CA ILE B 92 -2.12 14.89 -16.40
C ILE B 92 -0.62 14.87 -16.15
N VAL B 93 -0.09 13.67 -16.02
CA VAL B 93 1.34 13.45 -15.78
C VAL B 93 1.85 12.60 -16.95
N LYS B 94 2.81 13.15 -17.69
CA LYS B 94 3.36 12.48 -18.87
C LYS B 94 4.33 11.38 -18.47
N TRP B 95 4.33 10.27 -19.21
CA TRP B 95 5.36 9.25 -19.04
C TRP B 95 6.74 9.72 -19.55
N ASP B 96 7.65 9.90 -18.60
CA ASP B 96 9.05 10.20 -18.88
C ASP B 96 9.88 8.98 -18.52
N ARG B 97 10.41 8.35 -19.57
CA ARG B 97 11.37 7.25 -19.52
C ARG B 97 12.45 7.35 -18.45
N ASP B 98 12.89 8.57 -18.16
CA ASP B 98 13.95 8.81 -17.18
C ASP B 98 13.47 9.00 -15.75
N MET B 99 12.19 8.75 -15.49
CA MET B 99 11.65 8.92 -14.13
C MET B 99 10.78 7.74 -13.66
N VAL C 1 -5.25 -16.05 8.50
CA VAL C 1 -6.73 -16.00 8.68
C VAL C 1 -7.16 -14.77 9.45
N GLN C 2 -8.38 -14.34 9.19
CA GLN C 2 -8.95 -13.14 9.80
C GLN C 2 -9.37 -13.34 11.23
N GLN C 3 -9.38 -12.26 11.98
CA GLN C 3 -10.14 -12.19 13.22
C GLN C 3 -11.64 -12.42 12.95
N GLU C 4 -12.33 -13.09 13.87
CA GLU C 4 -13.80 -13.18 13.83
C GLU C 4 -14.39 -11.79 13.72
N SER C 5 -15.48 -11.67 12.97
CA SER C 5 -16.14 -10.38 12.81
CA SER C 5 -16.12 -10.38 12.80
C SER C 5 -16.25 -9.69 14.15
N SER C 6 -15.66 -8.50 14.25
CA SER C 6 -15.57 -7.81 15.57
C SER C 6 -16.87 -7.07 15.92
N PHE C 7 -16.95 -6.63 17.16
CA PHE C 7 -18.13 -5.92 17.64
C PHE C 7 -18.31 -4.55 16.94
N VAL C 8 -19.58 -4.18 16.72
CA VAL C 8 -19.93 -2.87 16.14
C VAL C 8 -19.27 -1.72 16.90
N MET C 9 -19.03 -0.61 16.22
CA MET C 9 -18.47 0.57 16.85
C MET C 9 -19.55 1.38 17.54
#